data_7M0O
#
_entry.id   7M0O
#
_cell.length_a   39.270
_cell.length_b   56.720
_cell.length_c   152.189
_cell.angle_alpha   90.000
_cell.angle_beta   90.000
_cell.angle_gamma   90.000
#
_symmetry.space_group_name_H-M   'P 21 21 21'
#
loop_
_entity.id
_entity.type
_entity.pdbx_description
1 polymer '3-phosphoshikimate 1-carboxyvinyltransferase'
2 non-polymer 'PHOSPHATE ION'
3 non-polymer 'POTASSIUM ION'
4 water water
#
_entity_poly.entity_id   1
_entity_poly.type   'polypeptide(L)'
_entity_poly.pdbx_seq_one_letter_code
;ALSLPGSKSITARALFLAAAADGVTTLVRPLRSDDTEGFAEGLVRLGYRVGRTPDTWQVDGRPQGPAVAEADVYCRDGAT
TARFLPTLAAAGHGTYRFDASPQMRRRPLLPLSRALRDLGVDLRHEEAEGHHPLTVRAAGVEGGEVTLDAGQSSQYLTAL
LLLGPLTRQGLRIRVTDLVSAPYVEITLAMMRAFGVEVAREGDVFVVPPGGYRATTYAIEPDASTASYFFAAAALTPGAE
VTVPGLGTGALQGDLGFVDVLRRMGAEVSVGADATTVRGTGELRGLTANMRDISDTMPTLAAIAPFASAPVRIEDVANTR
VKECDRLEACAENLRRLGVRVATGPDWIEIHPGPATGAQVTSYGDHRIVMSFAVTGLRVPGISFDDPGCVRKTFPGFHEA
FAELRRGIGS
;
_entity_poly.pdbx_strand_id   A
#
loop_
_chem_comp.id
_chem_comp.type
_chem_comp.name
_chem_comp.formula
K non-polymer 'POTASSIUM ION' 'K 1'
PO4 non-polymer 'PHOSPHATE ION' 'O4 P -3'
#
# COMPACT_ATOMS: atom_id res chain seq x y z
N SER A 3 17.10 4.85 2.29
CA SER A 3 16.36 3.59 2.25
C SER A 3 14.87 3.82 2.52
N LEU A 4 14.09 3.69 1.47
CA LEU A 4 12.69 4.04 1.51
C LEU A 4 11.88 2.94 2.19
N PRO A 5 10.82 3.30 2.90
CA PRO A 5 10.10 2.31 3.71
C PRO A 5 9.30 1.33 2.87
N GLY A 6 9.17 0.11 3.41
CA GLY A 6 8.36 -0.90 2.75
C GLY A 6 6.90 -0.48 2.65
N SER A 7 6.22 -1.10 1.68
CA SER A 7 4.80 -0.88 1.48
C SER A 7 4.04 -1.39 2.70
N LYS A 8 3.14 -0.54 3.23
CA LYS A 8 2.34 -0.95 4.39
C LYS A 8 1.39 -2.08 4.04
N SER A 9 0.66 -1.95 2.92
CA SER A 9 -0.33 -2.99 2.61
C SER A 9 0.34 -4.30 2.20
N ILE A 10 1.50 -4.24 1.56
CA ILE A 10 2.20 -5.48 1.24
C ILE A 10 2.75 -6.12 2.52
N THR A 11 3.27 -5.31 3.45
CA THR A 11 3.78 -5.87 4.70
C THR A 11 2.66 -6.59 5.46
N ALA A 12 1.45 -6.02 5.43
CA ALA A 12 0.32 -6.60 6.14
C ALA A 12 -0.05 -7.97 5.60
N ARG A 13 -0.26 -8.06 4.28
CA ARG A 13 -0.53 -9.37 3.66
C ARG A 13 0.60 -10.36 3.95
N ALA A 14 1.86 -9.91 3.85
CA ALA A 14 2.98 -10.83 4.02
C ALA A 14 3.04 -11.40 5.43
N LEU A 15 2.66 -10.60 6.44
CA LEU A 15 2.65 -11.09 7.82
C LEU A 15 1.62 -12.20 8.01
N PHE A 16 0.44 -12.03 7.41
CA PHE A 16 -0.56 -13.09 7.43
C PHE A 16 -0.03 -14.37 6.79
N LEU A 17 0.53 -14.24 5.58
CA LEU A 17 1.02 -15.41 4.86
C LEU A 17 2.15 -16.10 5.63
N ALA A 18 3.06 -15.31 6.23
CA ALA A 18 4.15 -15.89 7.02
C ALA A 18 3.63 -16.66 8.22
N ALA A 19 2.57 -16.14 8.86
CA ALA A 19 1.96 -16.84 9.98
C ALA A 19 1.29 -18.14 9.57
N ALA A 20 0.67 -18.16 8.39
CA ALA A 20 -0.24 -19.26 8.04
C ALA A 20 0.44 -20.38 7.25
N ALA A 21 1.64 -20.15 6.74
CA ALA A 21 2.25 -21.09 5.81
C ALA A 21 2.87 -22.29 6.53
N ASP A 22 3.18 -23.31 5.74
CA ASP A 22 3.87 -24.49 6.24
C ASP A 22 5.37 -24.26 6.06
N GLY A 23 6.06 -24.03 7.16
CA GLY A 23 7.49 -23.81 7.18
C GLY A 23 7.85 -22.48 7.83
N VAL A 24 9.12 -22.12 7.74
CA VAL A 24 9.62 -20.86 8.30
C VAL A 24 9.72 -19.86 7.16
N THR A 25 8.98 -18.75 7.27
CA THR A 25 9.03 -17.69 6.29
C THR A 25 9.95 -16.58 6.75
N THR A 26 10.76 -16.07 5.83
CA THR A 26 11.60 -14.91 6.07
C THR A 26 11.05 -13.74 5.25
N LEU A 27 10.69 -12.66 5.94
CA LEU A 27 10.24 -11.42 5.31
C LEU A 27 11.42 -10.44 5.30
N VAL A 28 11.78 -9.95 4.13
CA VAL A 28 12.92 -9.04 4.00
C VAL A 28 12.42 -7.60 3.87
N ARG A 29 12.98 -6.72 4.71
CA ARG A 29 12.65 -5.29 4.78
C ARG A 29 11.17 -4.99 4.97
N PRO A 30 10.45 -5.67 5.87
CA PRO A 30 9.06 -5.27 6.12
C PRO A 30 9.00 -3.87 6.71
N LEU A 31 7.86 -3.21 6.52
CA LEU A 31 7.63 -1.92 7.17
C LEU A 31 7.51 -2.12 8.67
N ARG A 32 8.25 -1.30 9.43
CA ARG A 32 8.12 -1.28 10.88
C ARG A 32 7.26 -0.07 11.25
N SER A 33 6.03 -0.33 11.66
CA SER A 33 5.12 0.71 12.14
C SER A 33 4.47 0.23 13.43
N ASP A 34 3.67 1.10 14.06
CA ASP A 34 2.93 0.67 15.24
C ASP A 34 1.97 -0.46 14.90
N ASP A 35 1.34 -0.42 13.70
CA ASP A 35 0.42 -1.48 13.32
C ASP A 35 1.16 -2.80 13.14
N THR A 36 2.27 -2.81 12.39
CA THR A 36 2.97 -4.09 12.21
C THR A 36 3.62 -4.58 13.50
N GLU A 37 4.05 -3.66 14.37
CA GLU A 37 4.57 -4.08 15.67
C GLU A 37 3.48 -4.76 16.49
N GLY A 38 2.27 -4.19 16.51
CA GLY A 38 1.17 -4.83 17.22
C GLY A 38 0.78 -6.17 16.62
N PHE A 39 0.86 -6.30 15.29
CA PHE A 39 0.62 -7.58 14.62
C PHE A 39 1.60 -8.64 15.12
N ALA A 40 2.90 -8.32 15.07
CA ALA A 40 3.92 -9.22 15.60
C ALA A 40 3.65 -9.57 17.06
N GLU A 41 3.35 -8.56 17.89
CA GLU A 41 3.06 -8.83 19.30
C GLU A 41 1.85 -9.74 19.46
N GLY A 42 0.81 -9.53 18.65
CA GLY A 42 -0.36 -10.39 18.72
C GLY A 42 -0.05 -11.81 18.34
N LEU A 43 0.78 -11.98 17.30
CA LEU A 43 1.21 -13.33 16.91
C LEU A 43 1.93 -14.03 18.05
N VAL A 44 2.81 -13.30 18.76
CA VAL A 44 3.52 -13.94 19.85
C VAL A 44 2.56 -14.33 20.96
N ARG A 45 1.57 -13.47 21.24
CA ARG A 45 0.57 -13.80 22.26
C ARG A 45 -0.22 -15.04 21.87
N LEU A 46 -0.46 -15.24 20.59
CA LEU A 46 -1.18 -16.42 20.09
C LEU A 46 -0.31 -17.65 20.02
N GLY A 47 0.98 -17.56 20.36
CA GLY A 47 1.84 -18.71 20.38
C GLY A 47 2.64 -18.96 19.13
N TYR A 48 2.72 -17.99 18.22
CA TYR A 48 3.62 -18.09 17.08
C TYR A 48 5.02 -17.63 17.48
N ARG A 49 6.02 -18.24 16.85
CA ARG A 49 7.41 -17.84 17.06
C ARG A 49 7.77 -16.79 16.02
N VAL A 50 8.15 -15.61 16.49
CA VAL A 50 8.49 -14.48 15.63
C VAL A 50 9.87 -13.97 16.04
N GLY A 51 10.84 -14.07 15.13
CA GLY A 51 12.19 -13.56 15.35
C GLY A 51 12.47 -12.42 14.41
N ARG A 52 13.17 -11.39 14.91
CA ARG A 52 13.35 -10.19 14.12
C ARG A 52 14.79 -9.69 14.22
N THR A 53 15.24 -9.08 13.11
CA THR A 53 16.48 -8.31 13.02
C THR A 53 16.10 -6.94 12.48
N PRO A 54 17.03 -5.99 12.37
CA PRO A 54 16.66 -4.70 11.75
C PRO A 54 16.26 -4.82 10.28
N ASP A 55 16.56 -5.94 9.63
CA ASP A 55 16.34 -6.13 8.20
C ASP A 55 15.31 -7.19 7.86
N THR A 56 15.11 -8.21 8.70
CA THR A 56 14.26 -9.36 8.34
C THR A 56 13.48 -9.83 9.55
N TRP A 57 12.25 -10.29 9.30
CA TRP A 57 11.43 -10.96 10.29
C TRP A 57 11.29 -12.43 9.91
N GLN A 58 11.35 -13.30 10.93
CA GLN A 58 11.28 -14.74 10.74
C GLN A 58 10.06 -15.26 11.48
N VAL A 59 9.18 -15.99 10.78
CA VAL A 59 7.92 -16.48 11.36
C VAL A 59 7.81 -17.97 11.10
N ASP A 60 7.66 -18.76 12.17
CA ASP A 60 7.36 -20.18 12.05
C ASP A 60 5.88 -20.32 11.76
N GLY A 61 5.54 -20.77 10.55
CA GLY A 61 4.13 -20.84 10.17
C GLY A 61 3.40 -21.91 10.96
N ARG A 62 2.10 -21.68 11.15
CA ARG A 62 1.22 -22.62 11.85
C ARG A 62 0.02 -22.89 10.97
N PRO A 63 0.07 -23.94 10.15
CA PRO A 63 -1.04 -24.24 9.25
C PRO A 63 -2.37 -24.47 9.94
N GLN A 64 -2.39 -24.85 11.23
CA GLN A 64 -3.65 -25.04 11.95
C GLN A 64 -3.91 -23.94 12.96
N GLY A 65 -3.25 -22.78 12.85
CA GLY A 65 -3.62 -21.63 13.62
C GLY A 65 -2.89 -21.48 14.93
N PRO A 66 -3.37 -20.58 15.78
CA PRO A 66 -2.67 -20.27 17.04
C PRO A 66 -2.35 -21.49 17.88
N ALA A 67 -1.18 -21.48 18.52
CA ALA A 67 -0.78 -22.59 19.37
C ALA A 67 -1.62 -22.65 20.65
N VAL A 68 -1.81 -21.50 21.31
CA VAL A 68 -2.47 -21.49 22.61
C VAL A 68 -3.94 -21.88 22.47
N ALA A 69 -4.50 -22.43 23.54
CA ALA A 69 -5.91 -22.81 23.54
C ALA A 69 -6.82 -21.64 23.88
N GLU A 70 -6.29 -20.58 24.49
CA GLU A 70 -7.06 -19.42 24.91
C GLU A 70 -6.11 -18.23 25.01
N ALA A 71 -6.61 -17.04 24.64
CA ALA A 71 -5.79 -15.83 24.73
C ALA A 71 -6.64 -14.58 24.68
N ASP A 72 -6.12 -13.52 25.32
CA ASP A 72 -6.63 -12.17 25.17
C ASP A 72 -5.63 -11.43 24.29
N VAL A 73 -6.10 -10.92 23.15
CA VAL A 73 -5.24 -10.29 22.15
C VAL A 73 -5.65 -8.83 22.02
N TYR A 74 -4.71 -7.93 22.25
CA TYR A 74 -4.92 -6.49 22.12
C TYR A 74 -4.40 -6.04 20.76
N CYS A 75 -5.28 -5.41 19.97
CA CYS A 75 -4.96 -5.04 18.60
C CYS A 75 -4.44 -3.60 18.47
N ARG A 76 -4.35 -2.87 19.57
CA ARG A 76 -3.78 -1.51 19.62
C ARG A 76 -4.56 -0.62 18.64
N ASP A 77 -3.89 0.19 17.83
CA ASP A 77 -4.51 1.13 16.90
C ASP A 77 -4.45 0.64 15.46
N GLY A 78 -4.07 -0.61 15.24
CA GLY A 78 -3.73 -1.04 13.89
C GLY A 78 -4.87 -1.71 13.17
N ALA A 79 -5.27 -1.16 12.02
CA ALA A 79 -6.42 -1.71 11.31
C ALA A 79 -6.13 -3.10 10.78
N THR A 80 -4.91 -3.33 10.26
CA THR A 80 -4.56 -4.65 9.76
C THR A 80 -4.61 -5.70 10.87
N THR A 81 -4.00 -5.39 12.00
CA THR A 81 -4.02 -6.29 13.15
C THR A 81 -5.47 -6.61 13.55
N ALA A 82 -6.34 -5.59 13.57
CA ALA A 82 -7.71 -5.76 14.02
C ALA A 82 -8.56 -6.61 13.09
N ARG A 83 -8.20 -6.72 11.82
CA ARG A 83 -8.95 -7.56 10.89
C ARG A 83 -8.26 -8.88 10.58
N PHE A 84 -6.94 -8.89 10.41
CA PHE A 84 -6.23 -10.11 10.02
C PHE A 84 -6.06 -11.09 11.17
N LEU A 85 -5.76 -10.60 12.39
CA LEU A 85 -5.58 -11.55 13.49
C LEU A 85 -6.86 -12.32 13.82
N PRO A 86 -8.05 -11.72 13.90
CA PRO A 86 -9.25 -12.54 14.10
C PRO A 86 -9.48 -13.54 12.99
N THR A 87 -9.11 -13.17 11.76
CA THR A 87 -9.26 -14.09 10.63
C THR A 87 -8.34 -15.31 10.79
N LEU A 88 -7.05 -15.07 11.05
CA LEU A 88 -6.13 -16.17 11.34
C LEU A 88 -6.63 -17.06 12.48
N ALA A 89 -7.07 -16.43 13.56
CA ALA A 89 -7.53 -17.21 14.70
C ALA A 89 -8.76 -18.03 14.35
N ALA A 90 -9.68 -17.46 13.55
CA ALA A 90 -10.90 -18.17 13.20
C ALA A 90 -10.61 -19.47 12.46
N ALA A 91 -9.50 -19.53 11.72
CA ALA A 91 -9.14 -20.76 11.04
C ALA A 91 -8.51 -21.79 11.96
N GLY A 92 -8.15 -21.41 13.18
CA GLY A 92 -7.53 -22.29 14.17
C GLY A 92 -8.55 -22.85 15.14
N HIS A 93 -8.07 -23.19 16.34
CA HIS A 93 -8.85 -23.98 17.29
C HIS A 93 -8.54 -23.49 18.71
N GLY A 94 -9.48 -22.79 19.31
CA GLY A 94 -9.29 -22.24 20.64
C GLY A 94 -10.28 -21.14 20.90
N THR A 95 -10.09 -20.44 22.01
CA THR A 95 -10.98 -19.34 22.42
C THR A 95 -10.17 -18.04 22.50
N TYR A 96 -10.51 -17.06 21.66
CA TYR A 96 -9.69 -15.87 21.48
C TYR A 96 -10.51 -14.61 21.66
N ARG A 97 -10.14 -13.79 22.64
CA ARG A 97 -10.85 -12.56 22.99
C ARG A 97 -10.06 -11.37 22.46
N PHE A 98 -10.60 -10.68 21.46
CA PHE A 98 -9.94 -9.55 20.83
C PHE A 98 -10.49 -8.23 21.36
N ASP A 99 -9.60 -7.24 21.45
CA ASP A 99 -10.01 -5.88 21.77
C ASP A 99 -9.06 -4.92 21.04
N ALA A 100 -9.43 -3.66 20.99
CA ALA A 100 -8.59 -2.66 20.35
C ALA A 100 -8.57 -1.41 21.24
N SER A 101 -7.80 -0.42 20.82
CA SER A 101 -7.77 0.84 21.55
C SER A 101 -9.14 1.49 21.48
N PRO A 102 -9.46 2.38 22.43
CA PRO A 102 -10.78 3.04 22.38
C PRO A 102 -11.04 3.73 21.05
N GLN A 103 -9.99 4.24 20.40
CA GLN A 103 -10.17 4.87 19.11
CA GLN A 103 -10.14 4.86 19.10
C GLN A 103 -10.41 3.84 18.00
N MET A 104 -9.70 2.71 18.04
CA MET A 104 -9.85 1.69 17.00
C MET A 104 -11.13 0.88 17.18
N ARG A 105 -11.68 0.78 18.39
CA ARG A 105 -13.00 0.19 18.57
C ARG A 105 -14.04 0.88 17.71
N ARG A 106 -13.84 2.15 17.41
CA ARG A 106 -14.82 2.91 16.64
C ARG A 106 -14.81 2.55 15.15
N ARG A 107 -13.85 1.71 14.69
CA ARG A 107 -13.76 1.32 13.29
C ARG A 107 -14.27 -0.11 13.13
N PRO A 108 -15.53 -0.32 12.75
CA PRO A 108 -16.04 -1.69 12.66
C PRO A 108 -15.49 -2.44 11.46
N LEU A 109 -15.78 -3.74 11.45
CA LEU A 109 -15.36 -4.65 10.38
C LEU A 109 -16.51 -5.58 10.01
N LEU A 110 -17.73 -5.05 9.95
CA LEU A 110 -18.90 -5.92 9.81
C LEU A 110 -18.92 -6.79 8.54
N PRO A 111 -18.53 -6.30 7.36
CA PRO A 111 -18.51 -7.23 6.21
C PRO A 111 -17.66 -8.47 6.46
N LEU A 112 -16.53 -8.31 7.14
CA LEU A 112 -15.67 -9.45 7.42
C LEU A 112 -16.28 -10.36 8.47
N SER A 113 -16.82 -9.78 9.55
CA SER A 113 -17.36 -10.64 10.60
C SER A 113 -18.66 -11.30 10.17
N ARG A 114 -19.42 -10.65 9.28
CA ARG A 114 -20.61 -11.29 8.72
CA ARG A 114 -20.61 -11.29 8.73
C ARG A 114 -20.24 -12.46 7.84
N ALA A 115 -19.18 -12.31 7.03
CA ALA A 115 -18.73 -13.39 6.17
C ALA A 115 -18.18 -14.55 6.98
N LEU A 116 -17.45 -14.28 8.08
CA LEU A 116 -16.92 -15.38 8.90
C LEU A 116 -18.05 -16.17 9.55
N ARG A 117 -19.07 -15.47 10.02
CA ARG A 117 -20.23 -16.15 10.61
C ARG A 117 -21.07 -16.87 9.57
N ASP A 118 -21.22 -16.30 8.37
CA ASP A 118 -21.83 -17.03 7.27
C ASP A 118 -21.11 -18.37 7.05
N LEU A 119 -19.78 -18.36 7.19
CA LEU A 119 -18.90 -19.53 7.04
C LEU A 119 -18.84 -20.43 8.28
N GLY A 120 -19.66 -20.17 9.29
CA GLY A 120 -19.78 -21.08 10.40
C GLY A 120 -18.91 -20.78 11.61
N VAL A 121 -18.24 -19.63 11.63
CA VAL A 121 -17.41 -19.27 12.77
C VAL A 121 -18.29 -18.78 13.91
N ASP A 122 -18.02 -19.27 15.11
CA ASP A 122 -18.66 -18.77 16.32
C ASP A 122 -17.91 -17.51 16.72
N LEU A 123 -18.35 -16.37 16.17
CA LEU A 123 -17.81 -15.07 16.49
C LEU A 123 -18.92 -14.25 17.13
N ARG A 124 -18.60 -13.57 18.23
CA ARG A 124 -19.56 -12.77 18.97
C ARG A 124 -18.99 -11.40 19.23
N HIS A 125 -19.74 -10.37 18.83
CA HIS A 125 -19.40 -9.00 19.18
C HIS A 125 -19.92 -8.72 20.59
N GLU A 126 -19.03 -8.29 21.48
CA GLU A 126 -19.42 -8.08 22.87
C GLU A 126 -20.15 -6.76 23.09
N GLU A 127 -19.96 -5.78 22.18
CA GLU A 127 -20.65 -4.49 22.27
C GLU A 127 -21.49 -4.35 21.00
N ALA A 128 -21.30 -3.34 20.18
CA ALA A 128 -22.13 -3.18 18.98
C ALA A 128 -21.70 -4.16 17.90
N GLU A 129 -22.67 -4.55 17.05
CA GLU A 129 -22.36 -5.43 15.92
C GLU A 129 -21.30 -4.81 15.03
N GLY A 130 -20.29 -5.60 14.67
CA GLY A 130 -19.24 -5.17 13.78
C GLY A 130 -17.97 -4.69 14.46
N HIS A 131 -18.03 -4.37 15.76
CA HIS A 131 -16.94 -3.71 16.45
C HIS A 131 -16.18 -4.66 17.37
N HIS A 132 -14.90 -4.38 17.58
CA HIS A 132 -14.20 -4.85 18.77
C HIS A 132 -14.80 -4.18 20.01
N PRO A 133 -14.79 -4.86 21.16
CA PRO A 133 -14.24 -6.20 21.41
C PRO A 133 -15.10 -7.31 20.80
N LEU A 134 -14.45 -8.41 20.41
CA LEU A 134 -15.17 -9.56 19.88
C LEU A 134 -14.44 -10.83 20.29
N THR A 135 -15.19 -11.92 20.33
CA THR A 135 -14.66 -13.18 20.82
C THR A 135 -14.87 -14.27 19.77
N VAL A 136 -13.80 -14.98 19.42
CA VAL A 136 -13.86 -16.09 18.47
C VAL A 136 -13.64 -17.40 19.21
N ARG A 137 -14.66 -18.25 19.22
CA ARG A 137 -14.53 -19.64 19.66
C ARG A 137 -14.27 -20.48 18.42
N ALA A 138 -13.00 -20.62 18.07
CA ALA A 138 -12.58 -21.15 16.78
C ALA A 138 -12.54 -22.67 16.78
N ALA A 139 -12.96 -23.26 15.65
CA ALA A 139 -12.85 -24.70 15.41
C ALA A 139 -12.61 -24.96 13.93
N GLY A 140 -11.74 -24.15 13.30
CA GLY A 140 -11.52 -24.21 11.88
C GLY A 140 -12.67 -23.67 11.05
N VAL A 141 -12.45 -23.58 9.74
CA VAL A 141 -13.45 -23.12 8.77
C VAL A 141 -13.60 -24.19 7.70
N GLU A 142 -14.84 -24.68 7.52
CA GLU A 142 -15.08 -25.74 6.55
C GLU A 142 -14.81 -25.25 5.13
N GLY A 143 -15.37 -24.10 4.77
CA GLY A 143 -15.20 -23.55 3.45
C GLY A 143 -16.49 -23.55 2.64
N GLY A 144 -16.32 -23.48 1.32
CA GLY A 144 -17.47 -23.40 0.43
C GLY A 144 -17.80 -21.99 -0.02
N GLU A 145 -19.07 -21.75 -0.37
CA GLU A 145 -19.47 -20.45 -0.90
C GLU A 145 -19.63 -19.42 0.20
N VAL A 146 -19.35 -18.16 -0.14
CA VAL A 146 -19.66 -17.02 0.72
C VAL A 146 -19.83 -15.80 -0.18
N THR A 147 -20.75 -14.92 0.20
CA THR A 147 -21.00 -13.68 -0.54
C THR A 147 -20.57 -12.52 0.33
N LEU A 148 -19.60 -11.74 -0.14
CA LEU A 148 -19.07 -10.62 0.62
C LEU A 148 -19.69 -9.32 0.13
N ASP A 149 -20.11 -8.48 1.08
CA ASP A 149 -20.67 -7.18 0.72
C ASP A 149 -19.68 -6.06 1.04
N ALA A 150 -18.47 -6.13 0.50
CA ALA A 150 -17.42 -5.13 0.72
C ALA A 150 -17.11 -4.43 -0.60
N GLY A 151 -18.05 -3.61 -1.06
CA GLY A 151 -17.81 -2.76 -2.21
C GLY A 151 -17.15 -1.45 -1.82
N GLN A 152 -16.48 -1.41 -0.67
CA GLN A 152 -15.82 -0.19 -0.21
C GLN A 152 -14.37 -0.45 0.20
N SER A 153 -14.18 -0.91 1.44
CA SER A 153 -12.83 -1.18 1.93
C SER A 153 -12.30 -2.48 1.31
N SER A 154 -11.04 -2.44 0.88
CA SER A 154 -10.45 -3.56 0.18
C SER A 154 -9.92 -4.64 1.11
N GLN A 155 -9.74 -4.33 2.40
CA GLN A 155 -9.11 -5.28 3.30
C GLN A 155 -10.01 -6.47 3.62
N TYR A 156 -11.34 -6.35 3.45
CA TYR A 156 -12.24 -7.44 3.79
C TYR A 156 -12.18 -8.55 2.75
N LEU A 157 -12.21 -8.20 1.47
CA LEU A 157 -12.03 -9.22 0.44
C LEU A 157 -10.67 -9.88 0.57
N THR A 158 -9.63 -9.09 0.84
CA THR A 158 -8.29 -9.65 0.91
C THR A 158 -8.13 -10.60 2.10
N ALA A 159 -8.74 -10.26 3.24
CA ALA A 159 -8.77 -11.19 4.38
C ALA A 159 -9.42 -12.53 4.01
N LEU A 160 -10.56 -12.50 3.29
CA LEU A 160 -11.23 -13.74 2.90
C LEU A 160 -10.40 -14.52 1.88
N LEU A 161 -9.79 -13.84 0.91
CA LEU A 161 -8.89 -14.53 -0.02
C LEU A 161 -7.76 -15.21 0.72
N LEU A 162 -7.14 -14.48 1.67
CA LEU A 162 -6.02 -15.05 2.41
C LEU A 162 -6.46 -16.22 3.27
N LEU A 163 -7.70 -16.19 3.78
CA LEU A 163 -8.22 -17.29 4.58
C LEU A 163 -8.43 -18.58 3.78
N GLY A 164 -8.77 -18.45 2.50
CA GLY A 164 -9.21 -19.57 1.69
C GLY A 164 -8.42 -20.87 1.83
N PRO A 165 -7.09 -20.82 1.66
CA PRO A 165 -6.30 -22.07 1.71
C PRO A 165 -6.22 -22.67 3.10
N LEU A 166 -6.60 -21.94 4.15
CA LEU A 166 -6.66 -22.51 5.49
C LEU A 166 -7.97 -23.26 5.75
N THR A 167 -8.96 -23.09 4.88
CA THR A 167 -10.23 -23.77 5.07
C THR A 167 -10.13 -25.22 4.62
N ARG A 168 -11.08 -26.03 5.06
CA ARG A 168 -11.00 -27.46 4.77
C ARG A 168 -11.34 -27.77 3.31
N GLN A 169 -12.27 -27.01 2.71
CA GLN A 169 -12.72 -27.29 1.36
C GLN A 169 -12.39 -26.20 0.36
N GLY A 170 -11.68 -25.14 0.77
CA GLY A 170 -11.48 -23.97 -0.08
C GLY A 170 -12.68 -23.03 0.00
N LEU A 171 -12.53 -21.89 -0.66
CA LEU A 171 -13.59 -20.88 -0.69
C LEU A 171 -14.00 -20.55 -2.11
N ARG A 172 -15.28 -20.19 -2.26
CA ARG A 172 -15.83 -19.57 -3.46
C ARG A 172 -16.43 -18.23 -3.02
N ILE A 173 -15.67 -17.15 -3.16
CA ILE A 173 -16.04 -15.83 -2.66
C ILE A 173 -16.74 -15.05 -3.76
N ARG A 174 -18.02 -14.76 -3.58
CA ARG A 174 -18.80 -13.97 -4.52
C ARG A 174 -18.78 -12.49 -4.13
N VAL A 175 -18.33 -11.65 -5.07
CA VAL A 175 -18.42 -10.21 -4.90
C VAL A 175 -19.18 -9.58 -6.08
N ALA A 181 -9.69 -4.24 -9.56
CA ALA A 181 -9.00 -3.40 -8.60
C ALA A 181 -7.55 -3.84 -8.42
N PRO A 182 -6.62 -2.88 -8.43
CA PRO A 182 -5.20 -3.24 -8.26
C PRO A 182 -4.91 -3.96 -6.96
N TYR A 183 -5.63 -3.61 -5.89
CA TYR A 183 -5.42 -4.21 -4.58
C TYR A 183 -5.63 -5.72 -4.62
N VAL A 184 -6.67 -6.17 -5.34
CA VAL A 184 -6.90 -7.60 -5.38
C VAL A 184 -5.82 -8.31 -6.19
N GLU A 185 -5.29 -7.68 -7.26
CA GLU A 185 -4.27 -8.39 -8.03
C GLU A 185 -2.98 -8.56 -7.23
N ILE A 186 -2.65 -7.59 -6.37
CA ILE A 186 -1.48 -7.73 -5.50
C ILE A 186 -1.69 -8.89 -4.52
N THR A 187 -2.91 -9.01 -3.95
CA THR A 187 -3.16 -10.12 -3.03
C THR A 187 -3.00 -11.46 -3.74
N LEU A 188 -3.51 -11.57 -4.95
CA LEU A 188 -3.40 -12.85 -5.65
C LEU A 188 -1.97 -13.18 -6.02
N ALA A 189 -1.17 -12.18 -6.41
CA ALA A 189 0.22 -12.44 -6.74
C ALA A 189 1.01 -12.89 -5.51
N MET A 190 0.72 -12.30 -4.35
CA MET A 190 1.43 -12.70 -3.14
C MET A 190 1.05 -14.11 -2.74
N MET A 191 -0.23 -14.46 -2.85
CA MET A 191 -0.64 -15.84 -2.59
C MET A 191 0.08 -16.81 -3.53
N ARG A 192 0.33 -16.40 -4.78
CA ARG A 192 1.07 -17.26 -5.71
C ARG A 192 2.51 -17.46 -5.24
N ALA A 193 3.13 -16.40 -4.70
CA ALA A 193 4.48 -16.54 -4.16
C ALA A 193 4.52 -17.51 -2.98
N PHE A 194 3.39 -17.70 -2.30
CA PHE A 194 3.28 -18.66 -1.22
C PHE A 194 2.57 -19.94 -1.66
N GLY A 195 2.55 -20.20 -2.97
CA GLY A 195 2.19 -21.52 -3.49
C GLY A 195 0.74 -21.79 -3.76
N VAL A 196 -0.09 -20.76 -3.92
CA VAL A 196 -1.52 -20.94 -4.12
C VAL A 196 -1.96 -20.16 -5.35
N GLU A 197 -2.62 -20.85 -6.29
CA GLU A 197 -3.22 -20.21 -7.46
C GLU A 197 -4.72 -20.01 -7.23
N VAL A 198 -5.19 -18.77 -7.41
CA VAL A 198 -6.61 -18.43 -7.29
C VAL A 198 -7.16 -18.23 -8.69
N ALA A 199 -8.37 -18.74 -8.93
CA ALA A 199 -9.07 -18.56 -10.19
C ALA A 199 -10.28 -17.66 -9.99
N ARG A 200 -10.53 -16.77 -10.95
CA ARG A 200 -11.70 -15.90 -10.91
C ARG A 200 -12.65 -16.27 -12.03
N GLU A 201 -13.91 -16.55 -11.68
CA GLU A 201 -14.97 -16.91 -12.62
C GLU A 201 -16.11 -15.93 -12.44
N GLY A 202 -16.22 -14.95 -13.34
CA GLY A 202 -17.24 -13.93 -13.21
C GLY A 202 -17.04 -13.09 -11.97
N ASP A 203 -17.94 -13.21 -11.00
CA ASP A 203 -17.85 -12.45 -9.76
C ASP A 203 -17.36 -13.31 -8.59
N VAL A 204 -16.86 -14.51 -8.85
CA VAL A 204 -16.49 -15.48 -7.81
C VAL A 204 -14.99 -15.75 -7.87
N PHE A 205 -14.31 -15.56 -6.76
CA PHE A 205 -12.93 -15.97 -6.60
C PHE A 205 -12.91 -17.38 -6.04
N VAL A 206 -12.18 -18.27 -6.70
CA VAL A 206 -12.19 -19.70 -6.40
C VAL A 206 -10.83 -20.05 -5.81
N VAL A 207 -10.78 -20.20 -4.49
CA VAL A 207 -9.53 -20.37 -3.74
C VAL A 207 -9.45 -21.81 -3.27
N PRO A 208 -8.38 -22.54 -3.57
CA PRO A 208 -8.29 -23.96 -3.24
C PRO A 208 -7.85 -24.18 -1.81
N PRO A 209 -8.18 -25.33 -1.23
CA PRO A 209 -7.65 -25.71 0.08
C PRO A 209 -6.20 -26.18 -0.06
N GLY A 210 -5.62 -26.56 1.06
CA GLY A 210 -4.29 -27.16 1.08
C GLY A 210 -3.18 -26.30 1.64
N GLY A 211 -3.47 -25.06 2.01
CA GLY A 211 -2.50 -24.25 2.70
C GLY A 211 -1.50 -23.56 1.80
N TYR A 212 -0.51 -22.96 2.47
CA TYR A 212 0.55 -22.19 1.85
C TYR A 212 1.91 -22.86 2.06
N ARG A 213 2.87 -22.48 1.20
CA ARG A 213 4.25 -22.94 1.28
C ARG A 213 5.14 -21.77 1.70
N ALA A 214 5.85 -21.93 2.82
CA ALA A 214 6.73 -20.87 3.31
C ALA A 214 7.81 -20.57 2.29
N THR A 215 8.33 -19.34 2.36
CA THR A 215 9.35 -18.90 1.43
C THR A 215 10.11 -17.72 2.05
N THR A 216 11.12 -17.24 1.33
CA THR A 216 11.73 -15.95 1.62
C THR A 216 11.04 -14.93 0.74
N TYR A 217 10.42 -13.91 1.36
CA TYR A 217 9.60 -12.95 0.62
C TYR A 217 10.09 -11.55 0.95
N ALA A 218 10.58 -10.84 -0.07
CA ALA A 218 11.04 -9.47 0.06
C ALA A 218 9.87 -8.51 -0.13
N ILE A 219 9.71 -7.57 0.82
CA ILE A 219 8.68 -6.55 0.75
C ILE A 219 9.17 -5.40 -0.10
N GLU A 220 8.38 -5.02 -1.10
CA GLU A 220 8.74 -3.89 -1.97
C GLU A 220 8.66 -2.57 -1.19
N PRO A 221 9.61 -1.66 -1.41
CA PRO A 221 9.41 -0.29 -0.94
C PRO A 221 8.17 0.31 -1.60
N ASP A 222 7.52 1.22 -0.89
CA ASP A 222 6.35 1.88 -1.45
C ASP A 222 6.74 2.61 -2.73
N ALA A 223 6.11 2.21 -3.84
CA ALA A 223 6.47 2.75 -5.15
C ALA A 223 5.90 4.14 -5.37
N SER A 224 4.78 4.47 -4.72
CA SER A 224 4.25 5.83 -4.80
C SER A 224 5.18 6.81 -4.09
N THR A 225 5.67 6.42 -2.92
CA THR A 225 6.69 7.19 -2.22
C THR A 225 7.96 7.32 -3.06
N ALA A 226 8.32 6.25 -3.78
CA ALA A 226 9.52 6.28 -4.58
C ALA A 226 9.44 7.26 -5.74
N SER A 227 8.23 7.60 -6.19
CA SER A 227 8.09 8.42 -7.38
C SER A 227 8.72 9.79 -7.18
N TYR A 228 8.67 10.33 -5.95
CA TYR A 228 9.23 11.65 -5.71
C TYR A 228 10.74 11.63 -5.79
N PHE A 229 11.36 10.53 -5.38
CA PHE A 229 12.81 10.45 -5.40
C PHE A 229 13.31 10.17 -6.82
N PHE A 230 12.58 9.33 -7.56
CA PHE A 230 12.86 9.12 -8.98
C PHE A 230 12.72 10.43 -9.77
N ALA A 231 11.67 11.21 -9.50
CA ALA A 231 11.46 12.49 -10.20
C ALA A 231 12.58 13.49 -9.91
N ALA A 232 13.01 13.57 -8.66
CA ALA A 232 14.14 14.46 -8.32
C ALA A 232 15.38 14.12 -9.14
N ALA A 233 15.64 12.83 -9.35
CA ALA A 233 16.80 12.45 -10.15
C ALA A 233 16.62 12.83 -11.61
N ALA A 234 15.42 12.61 -12.17
CA ALA A 234 15.19 12.91 -13.59
C ALA A 234 15.32 14.41 -13.86
N LEU A 235 15.03 15.23 -12.85
CA LEU A 235 15.06 16.66 -12.98
C LEU A 235 16.47 17.23 -12.88
N THR A 236 17.39 16.47 -12.31
CA THR A 236 18.73 16.94 -11.93
C THR A 236 19.79 16.29 -12.82
N PRO A 237 20.43 17.02 -13.73
CA PRO A 237 21.36 16.37 -14.67
C PRO A 237 22.53 15.72 -13.93
N GLY A 238 22.82 14.47 -14.30
CA GLY A 238 23.86 13.70 -13.66
C GLY A 238 23.51 13.06 -12.33
N ALA A 239 22.36 13.38 -11.73
CA ALA A 239 22.03 12.76 -10.45
C ALA A 239 21.48 11.36 -10.64
N GLU A 240 21.78 10.47 -9.70
CA GLU A 240 21.24 9.12 -9.79
C GLU A 240 20.57 8.73 -8.48
N VAL A 241 19.42 8.08 -8.60
CA VAL A 241 18.68 7.50 -7.49
C VAL A 241 18.39 6.05 -7.83
N THR A 242 18.80 5.15 -6.93
CA THR A 242 18.43 3.75 -7.06
C THR A 242 17.54 3.35 -5.88
N VAL A 243 16.45 2.64 -6.16
CA VAL A 243 15.61 2.06 -5.12
C VAL A 243 15.70 0.54 -5.15
N PRO A 244 16.50 -0.08 -4.29
CA PRO A 244 16.54 -1.55 -4.28
C PRO A 244 15.20 -2.12 -3.85
N GLY A 245 14.80 -3.22 -4.49
CA GLY A 245 13.57 -3.89 -4.15
C GLY A 245 12.41 -3.57 -5.07
N LEU A 246 12.57 -2.59 -5.95
CA LEU A 246 11.62 -2.30 -7.01
C LEU A 246 12.29 -2.70 -8.31
N GLY A 247 11.82 -3.79 -8.92
CA GLY A 247 12.43 -4.33 -10.11
C GLY A 247 11.40 -4.74 -11.14
N THR A 248 11.83 -5.54 -12.12
CA THR A 248 10.98 -5.86 -13.26
CA THR A 248 10.97 -5.85 -13.26
C THR A 248 9.72 -6.60 -12.83
N GLY A 249 9.80 -7.44 -11.81
CA GLY A 249 8.61 -8.17 -11.43
C GLY A 249 7.75 -7.46 -10.40
N ALA A 250 7.85 -6.14 -10.29
CA ALA A 250 7.23 -5.44 -9.18
C ALA A 250 5.71 -5.51 -9.23
N LEU A 251 5.11 -5.68 -8.05
CA LEU A 251 3.67 -5.78 -7.93
C LEU A 251 2.97 -4.44 -8.01
N GLN A 252 3.63 -3.35 -7.62
CA GLN A 252 2.97 -2.05 -7.54
C GLN A 252 2.98 -1.35 -8.89
N GLY A 253 1.78 -0.99 -9.39
CA GLY A 253 1.69 -0.31 -10.67
C GLY A 253 2.38 1.05 -10.72
N ASP A 254 2.55 1.71 -9.58
CA ASP A 254 3.12 3.05 -9.67
C ASP A 254 4.60 3.05 -10.02
N LEU A 255 5.28 1.90 -9.99
CA LEU A 255 6.61 1.84 -10.59
C LEU A 255 6.57 2.27 -12.06
N GLY A 256 5.43 2.09 -12.74
CA GLY A 256 5.29 2.56 -14.12
C GLY A 256 5.51 4.05 -14.31
N PHE A 257 5.54 4.83 -13.23
CA PHE A 257 5.90 6.22 -13.36
C PHE A 257 7.28 6.38 -14.01
N VAL A 258 8.20 5.44 -13.77
CA VAL A 258 9.54 5.65 -14.33
C VAL A 258 9.57 5.50 -15.84
N ASP A 259 8.60 4.79 -16.42
CA ASP A 259 8.51 4.70 -17.87
C ASP A 259 8.14 6.05 -18.47
N VAL A 260 7.37 6.87 -17.73
CA VAL A 260 7.11 8.25 -18.12
C VAL A 260 8.40 9.07 -18.08
N LEU A 261 9.17 8.94 -16.99
CA LEU A 261 10.43 9.66 -16.90
C LEU A 261 11.37 9.30 -18.06
N ARG A 262 11.41 8.02 -18.44
CA ARG A 262 12.24 7.62 -19.58
C ARG A 262 11.77 8.31 -20.87
N ARG A 263 10.45 8.39 -21.09
CA ARG A 263 9.92 9.10 -22.26
C ARG A 263 10.28 10.58 -22.27
N MET A 264 10.50 11.18 -21.09
CA MET A 264 10.99 12.55 -21.02
C MET A 264 12.50 12.64 -21.24
N GLY A 265 13.20 11.51 -21.31
CA GLY A 265 14.62 11.53 -21.62
C GLY A 265 15.54 11.19 -20.48
N ALA A 266 15.00 10.87 -19.30
CA ALA A 266 15.84 10.36 -18.22
C ALA A 266 16.37 8.99 -18.60
N GLU A 267 17.52 8.61 -18.01
CA GLU A 267 18.07 7.26 -18.16
C GLU A 267 17.45 6.38 -17.07
N VAL A 268 16.62 5.43 -17.47
CA VAL A 268 15.89 4.59 -16.54
C VAL A 268 16.27 3.14 -16.76
N SER A 269 16.76 2.50 -15.70
CA SER A 269 17.15 1.08 -15.76
CA SER A 269 17.14 1.08 -15.76
C SER A 269 16.33 0.34 -14.71
N VAL A 270 15.41 -0.51 -15.16
CA VAL A 270 14.62 -1.35 -14.28
C VAL A 270 15.28 -2.73 -14.28
N GLY A 271 16.02 -3.02 -13.21
CA GLY A 271 16.71 -4.29 -13.08
C GLY A 271 15.80 -5.35 -12.47
N ALA A 272 16.35 -6.56 -12.35
CA ALA A 272 15.59 -7.62 -11.69
C ALA A 272 15.26 -7.29 -10.25
N ASP A 273 16.17 -6.60 -9.54
CA ASP A 273 16.00 -6.41 -8.10
C ASP A 273 16.12 -4.96 -7.67
N ALA A 274 16.15 -4.01 -8.62
CA ALA A 274 16.38 -2.61 -8.28
C ALA A 274 16.13 -1.78 -9.52
N THR A 275 15.82 -0.49 -9.32
CA THR A 275 15.56 0.46 -10.40
C THR A 275 16.41 1.70 -10.20
N THR A 276 17.11 2.12 -11.25
CA THR A 276 17.94 3.31 -11.20
C THR A 276 17.42 4.34 -12.19
N VAL A 277 17.26 5.60 -11.74
CA VAL A 277 16.91 6.72 -12.61
C VAL A 277 18.06 7.72 -12.56
N ARG A 278 18.50 8.17 -13.74
CA ARG A 278 19.60 9.14 -13.83
C ARG A 278 19.15 10.31 -14.69
N GLY A 279 19.29 11.53 -14.16
CA GLY A 279 18.98 12.72 -14.94
C GLY A 279 20.01 12.97 -16.03
N THR A 280 19.54 13.39 -17.20
CA THR A 280 20.39 13.63 -18.35
C THR A 280 20.44 15.10 -18.73
N GLY A 281 19.63 15.95 -18.07
CA GLY A 281 19.45 17.32 -18.49
C GLY A 281 18.36 17.51 -19.53
N GLU A 282 17.95 16.43 -20.19
CA GLU A 282 16.85 16.44 -21.15
C GLU A 282 15.57 16.10 -20.40
N LEU A 283 14.61 17.03 -20.38
CA LEU A 283 13.28 16.80 -19.80
C LEU A 283 12.28 17.22 -20.86
N ARG A 284 11.84 16.28 -21.68
CA ARG A 284 11.04 16.62 -22.85
C ARG A 284 9.54 16.54 -22.54
N GLY A 285 8.80 17.53 -23.02
CA GLY A 285 7.35 17.50 -22.84
C GLY A 285 6.71 16.33 -23.57
N LEU A 286 5.49 16.02 -23.15
CA LEU A 286 4.78 14.86 -23.68
C LEU A 286 3.33 14.92 -23.22
N THR A 287 2.53 14.05 -23.81
CA THR A 287 1.21 13.68 -23.31
C THR A 287 1.31 12.32 -22.67
N ALA A 288 0.77 12.19 -21.45
CA ALA A 288 0.82 10.94 -20.72
C ALA A 288 -0.58 10.58 -20.22
N ASN A 289 -1.04 9.38 -20.58
CA ASN A 289 -2.26 8.84 -19.99
C ASN A 289 -1.88 8.22 -18.65
N MET A 290 -2.34 8.82 -17.55
CA MET A 290 -1.96 8.34 -16.22
C MET A 290 -3.12 7.68 -15.46
N ARG A 291 -4.12 7.16 -16.19
CA ARG A 291 -5.28 6.52 -15.54
C ARG A 291 -4.85 5.46 -14.53
N ASP A 292 -3.93 4.58 -14.92
CA ASP A 292 -3.56 3.44 -14.10
C ASP A 292 -2.40 3.72 -13.15
N ILE A 293 -1.82 4.92 -13.18
CA ILE A 293 -0.79 5.33 -12.22
C ILE A 293 -1.14 6.69 -11.62
N SER A 294 -2.42 6.91 -11.31
CA SER A 294 -2.89 8.28 -11.08
C SER A 294 -2.39 8.90 -9.77
N ASP A 295 -1.99 8.10 -8.77
CA ASP A 295 -1.41 8.69 -7.56
C ASP A 295 -0.10 9.43 -7.85
N THR A 296 0.54 9.16 -9.00
CA THR A 296 1.75 9.87 -9.41
C THR A 296 1.49 11.00 -10.40
N MET A 297 0.24 11.25 -10.75
CA MET A 297 -0.07 12.44 -11.54
C MET A 297 0.50 13.71 -10.92
N PRO A 298 0.39 13.96 -9.60
CA PRO A 298 0.98 15.20 -9.06
C PRO A 298 2.49 15.20 -9.15
N THR A 299 3.13 14.02 -9.07
CA THR A 299 4.58 13.98 -9.19
C THR A 299 5.04 14.51 -10.54
N LEU A 300 4.31 14.15 -11.61
CA LEU A 300 4.64 14.69 -12.93
C LEU A 300 4.26 16.18 -13.04
N ALA A 301 3.10 16.56 -12.52
CA ALA A 301 2.70 17.96 -12.60
C ALA A 301 3.75 18.88 -11.99
N ALA A 302 4.43 18.42 -10.94
CA ALA A 302 5.35 19.28 -10.21
C ALA A 302 6.71 19.44 -10.88
N ILE A 303 7.11 18.55 -11.81
CA ILE A 303 8.34 18.75 -12.59
C ILE A 303 8.07 19.31 -13.97
N ALA A 304 6.80 19.38 -14.39
CA ALA A 304 6.50 19.88 -15.72
C ALA A 304 6.91 21.34 -15.97
N PRO A 305 7.02 22.23 -14.98
CA PRO A 305 7.46 23.60 -15.30
C PRO A 305 8.82 23.65 -15.98
N PHE A 306 9.62 22.60 -15.85
CA PHE A 306 10.98 22.55 -16.39
C PHE A 306 11.08 21.76 -17.68
N ALA A 307 9.97 21.29 -18.24
CA ALA A 307 10.01 20.49 -19.46
C ALA A 307 10.26 21.38 -20.69
N SER A 308 10.58 20.73 -21.81
CA SER A 308 10.89 21.39 -23.07
C SER A 308 9.67 21.84 -23.85
N ALA A 309 8.46 21.40 -23.46
CA ALA A 309 7.22 21.61 -24.20
C ALA A 309 6.07 21.31 -23.27
N PRO A 310 4.80 21.58 -23.64
CA PRO A 310 3.69 21.27 -22.73
C PRO A 310 3.68 19.83 -22.24
N VAL A 311 3.25 19.66 -21.00
CA VAL A 311 3.03 18.36 -20.41
C VAL A 311 1.52 18.23 -20.24
N ARG A 312 0.91 17.31 -20.96
CA ARG A 312 -0.52 17.10 -20.87
C ARG A 312 -0.78 15.74 -20.24
N ILE A 313 -1.48 15.73 -19.11
CA ILE A 313 -1.82 14.51 -18.38
C ILE A 313 -3.29 14.20 -18.63
N GLU A 314 -3.58 13.01 -19.20
CA GLU A 314 -4.90 12.69 -19.67
C GLU A 314 -5.47 11.48 -18.94
N ASP A 315 -6.80 11.37 -18.96
CA ASP A 315 -7.53 10.21 -18.44
C ASP A 315 -7.40 10.10 -16.91
N VAL A 316 -7.45 11.24 -16.22
CA VAL A 316 -7.27 11.26 -14.77
C VAL A 316 -8.50 11.84 -14.10
N ALA A 317 -9.70 11.45 -14.57
CA ALA A 317 -10.91 11.76 -13.83
C ALA A 317 -10.83 11.32 -12.39
N ASN A 318 -10.16 10.19 -12.14
CA ASN A 318 -10.10 9.62 -10.79
C ASN A 318 -9.40 10.54 -9.81
N THR A 319 -8.49 11.40 -10.28
CA THR A 319 -7.78 12.28 -9.36
C THR A 319 -8.68 13.36 -8.77
N ARG A 320 -9.83 13.63 -9.39
CA ARG A 320 -10.70 14.70 -8.92
C ARG A 320 -11.53 14.27 -7.71
N VAL A 321 -11.69 12.98 -7.50
CA VAL A 321 -12.63 12.46 -6.51
C VAL A 321 -11.88 11.82 -5.33
N LYS A 322 -10.62 12.18 -5.14
CA LYS A 322 -9.92 11.87 -3.90
C LYS A 322 -10.48 12.78 -2.80
N GLU A 323 -9.85 12.79 -1.63
CA GLU A 323 -10.38 13.63 -0.56
C GLU A 323 -10.24 15.11 -0.91
N CYS A 324 -9.27 15.46 -1.74
CA CYS A 324 -9.24 16.74 -2.40
C CYS A 324 -9.18 16.50 -3.91
N ASP A 325 -9.68 17.46 -4.68
CA ASP A 325 -9.54 17.40 -6.13
C ASP A 325 -8.08 17.68 -6.46
N ARG A 326 -7.33 16.63 -6.79
CA ARG A 326 -5.88 16.76 -6.99
C ARG A 326 -5.54 17.43 -8.31
N LEU A 327 -6.42 17.29 -9.31
CA LEU A 327 -6.25 18.01 -10.56
C LEU A 327 -6.33 19.52 -10.31
N GLU A 328 -7.38 19.96 -9.62
CA GLU A 328 -7.50 21.40 -9.34
C GLU A 328 -6.39 21.88 -8.41
N ALA A 329 -6.00 21.07 -7.43
CA ALA A 329 -4.96 21.48 -6.48
C ALA A 329 -3.62 21.65 -7.17
N CYS A 330 -3.28 20.76 -8.11
CA CYS A 330 -2.07 20.94 -8.89
C CYS A 330 -2.12 22.20 -9.73
N ALA A 331 -3.25 22.45 -10.41
CA ALA A 331 -3.38 23.65 -11.22
C ALA A 331 -3.29 24.90 -10.36
N GLU A 332 -3.98 24.91 -9.22
CA GLU A 332 -3.98 26.11 -8.39
C GLU A 332 -2.56 26.43 -7.91
N ASN A 333 -1.81 25.41 -7.49
CA ASN A 333 -0.48 25.66 -6.94
C ASN A 333 0.51 26.02 -8.05
N LEU A 334 0.38 25.40 -9.22
CA LEU A 334 1.25 25.73 -10.34
C LEU A 334 1.02 27.17 -10.78
N ARG A 335 -0.24 27.62 -10.76
CA ARG A 335 -0.55 28.99 -11.15
C ARG A 335 -0.01 29.98 -10.13
N ARG A 336 -0.06 29.62 -8.84
CA ARG A 336 0.51 30.48 -7.81
C ARG A 336 2.01 30.66 -8.02
N LEU A 337 2.68 29.66 -8.58
CA LEU A 337 4.10 29.73 -8.91
C LEU A 337 4.37 30.50 -10.21
N GLY A 338 3.35 30.94 -10.93
CA GLY A 338 3.54 31.68 -12.16
C GLY A 338 3.47 30.88 -13.45
N VAL A 339 3.10 29.61 -13.36
CA VAL A 339 3.05 28.69 -14.49
C VAL A 339 1.66 28.71 -15.11
N ARG A 340 1.57 28.74 -16.45
CA ARG A 340 0.27 28.70 -17.11
C ARG A 340 -0.22 27.25 -17.17
N VAL A 341 -1.49 27.06 -16.82
CA VAL A 341 -2.13 25.75 -16.75
C VAL A 341 -3.53 25.82 -17.36
N ALA A 342 -3.89 24.82 -18.16
CA ALA A 342 -5.25 24.63 -18.65
C ALA A 342 -5.78 23.32 -18.10
N THR A 343 -7.09 23.23 -17.87
CA THR A 343 -7.67 21.98 -17.39
C THR A 343 -8.96 21.67 -18.11
N GLY A 344 -9.32 20.39 -18.10
CA GLY A 344 -10.58 19.92 -18.59
C GLY A 344 -11.16 18.88 -17.65
N PRO A 345 -12.26 18.26 -18.05
CA PRO A 345 -12.92 17.30 -17.15
C PRO A 345 -11.98 16.26 -16.58
N ASP A 346 -11.05 15.75 -17.39
CA ASP A 346 -10.21 14.65 -16.94
C ASP A 346 -8.77 14.81 -17.40
N TRP A 347 -8.31 16.05 -17.54
CA TRP A 347 -6.95 16.29 -18.04
C TRP A 347 -6.44 17.61 -17.48
N ILE A 348 -5.11 17.75 -17.48
CA ILE A 348 -4.43 18.97 -17.09
C ILE A 348 -3.25 19.17 -18.03
N GLU A 349 -3.08 20.41 -18.52
CA GLU A 349 -1.99 20.72 -19.46
C GLU A 349 -1.16 21.84 -18.85
N ILE A 350 0.13 21.57 -18.66
CA ILE A 350 1.05 22.46 -17.97
C ILE A 350 2.03 23.03 -18.99
N HIS A 351 2.16 24.36 -18.99
CA HIS A 351 3.02 25.02 -19.96
C HIS A 351 4.28 25.51 -19.27
N PRO A 352 5.44 24.97 -19.63
CA PRO A 352 6.67 25.30 -18.92
C PRO A 352 7.04 26.77 -19.04
N GLY A 353 7.79 27.23 -18.05
CA GLY A 353 8.23 28.60 -17.97
C GLY A 353 8.78 28.90 -16.59
N PRO A 354 9.26 30.12 -16.38
CA PRO A 354 9.87 30.45 -15.08
C PRO A 354 8.86 30.37 -13.94
N ALA A 355 9.33 29.91 -12.80
CA ALA A 355 8.49 29.78 -11.62
C ALA A 355 9.10 30.51 -10.44
N THR A 356 8.23 31.01 -9.58
CA THR A 356 8.61 31.81 -8.42
C THR A 356 8.04 31.17 -7.17
N GLY A 357 8.82 31.16 -6.09
CA GLY A 357 8.42 30.46 -4.88
C GLY A 357 7.19 31.08 -4.23
N ALA A 358 6.41 30.22 -3.58
CA ALA A 358 5.24 30.66 -2.82
C ALA A 358 4.85 29.54 -1.86
N GLN A 359 3.86 29.81 -1.02
CA GLN A 359 3.32 28.81 -0.12
C GLN A 359 2.30 27.95 -0.85
N VAL A 360 2.50 26.64 -0.80
CA VAL A 360 1.62 25.67 -1.44
C VAL A 360 0.41 25.43 -0.55
N THR A 361 -0.80 25.46 -1.16
CA THR A 361 -2.02 25.05 -0.48
C THR A 361 -2.17 23.53 -0.60
N SER A 362 -1.96 22.82 0.51
CA SER A 362 -1.90 21.37 0.46
C SER A 362 -3.27 20.68 0.40
N TYR A 363 -4.32 21.32 0.93
CA TYR A 363 -5.61 20.68 1.15
C TYR A 363 -5.49 19.44 2.04
N GLY A 364 -4.43 19.39 2.87
CA GLY A 364 -4.13 18.24 3.71
C GLY A 364 -3.69 17.01 2.96
N ASP A 365 -3.36 17.15 1.68
CA ASP A 365 -3.04 16.03 0.80
C ASP A 365 -1.53 15.78 0.78
N HIS A 366 -1.12 14.62 1.29
CA HIS A 366 0.29 14.23 1.34
C HIS A 366 0.98 14.29 -0.01
N ARG A 367 0.29 13.91 -1.08
CA ARG A 367 0.91 13.90 -2.41
C ARG A 367 1.10 15.31 -2.98
N ILE A 368 0.27 16.29 -2.59
CA ILE A 368 0.52 17.66 -3.01
C ILE A 368 1.81 18.18 -2.36
N VAL A 369 2.00 17.90 -1.06
CA VAL A 369 3.22 18.36 -0.38
C VAL A 369 4.45 17.66 -0.94
N MET A 370 4.39 16.32 -1.07
CA MET A 370 5.58 15.61 -1.52
C MET A 370 5.93 15.97 -2.96
N SER A 371 4.92 16.18 -3.81
CA SER A 371 5.19 16.52 -5.20
C SER A 371 5.88 17.87 -5.33
N PHE A 372 5.34 18.92 -4.66
CA PHE A 372 5.92 20.25 -4.83
C PHE A 372 7.20 20.42 -4.03
N ALA A 373 7.52 19.51 -3.11
CA ALA A 373 8.86 19.46 -2.56
C ALA A 373 9.88 19.23 -3.68
N VAL A 374 9.55 18.39 -4.67
CA VAL A 374 10.48 18.18 -5.77
C VAL A 374 10.70 19.49 -6.54
N THR A 375 9.62 20.24 -6.78
CA THR A 375 9.73 21.52 -7.45
C THR A 375 10.71 22.44 -6.72
N GLY A 376 10.75 22.35 -5.40
CA GLY A 376 11.62 23.20 -4.59
C GLY A 376 13.11 22.93 -4.75
N LEU A 377 13.51 21.79 -5.33
CA LEU A 377 14.92 21.60 -5.72
C LEU A 377 15.41 22.68 -6.67
N ARG A 378 14.53 23.19 -7.54
CA ARG A 378 14.94 24.20 -8.51
C ARG A 378 14.29 25.56 -8.31
N VAL A 379 13.23 25.66 -7.51
CA VAL A 379 12.55 26.94 -7.27
C VAL A 379 12.70 27.28 -5.79
N PRO A 380 13.54 28.27 -5.44
CA PRO A 380 13.72 28.62 -4.04
C PRO A 380 12.48 29.27 -3.45
N GLY A 381 12.32 29.12 -2.14
CA GLY A 381 11.22 29.78 -1.46
C GLY A 381 9.87 29.11 -1.53
N ILE A 382 9.84 27.79 -1.73
CA ILE A 382 8.60 27.03 -1.65
C ILE A 382 8.41 26.54 -0.23
N SER A 383 7.22 26.77 0.31
CA SER A 383 6.82 26.29 1.62
C SER A 383 5.43 25.68 1.49
N PHE A 384 4.93 25.13 2.59
CA PHE A 384 3.66 24.44 2.61
C PHE A 384 2.84 24.94 3.79
N ASP A 385 1.52 25.03 3.60
CA ASP A 385 0.66 25.42 4.71
C ASP A 385 0.50 24.30 5.73
N ASP A 386 0.76 23.05 5.34
CA ASP A 386 0.52 21.88 6.18
C ASP A 386 1.58 20.81 5.90
N PRO A 387 2.82 21.04 6.36
CA PRO A 387 3.90 20.08 6.06
C PRO A 387 3.73 18.73 6.75
N GLY A 388 2.95 18.65 7.83
CA GLY A 388 2.80 17.40 8.53
C GLY A 388 1.90 16.39 7.86
N CYS A 389 1.16 16.78 6.81
CA CYS A 389 0.23 15.80 6.25
C CYS A 389 0.94 14.66 5.52
N VAL A 390 2.25 14.79 5.22
CA VAL A 390 3.03 13.70 4.67
C VAL A 390 2.99 12.47 5.58
N ARG A 391 2.67 12.66 6.87
CA ARG A 391 2.64 11.54 7.78
C ARG A 391 1.56 10.54 7.44
N LYS A 392 0.59 10.92 6.60
CA LYS A 392 -0.41 9.95 6.16
C LYS A 392 0.22 8.72 5.53
N THR A 393 1.38 8.86 4.86
CA THR A 393 2.04 7.70 4.26
C THR A 393 3.53 7.57 4.53
N PHE A 394 4.20 8.60 5.03
CA PHE A 394 5.65 8.56 5.16
C PHE A 394 6.04 9.56 6.23
N PRO A 395 6.00 9.16 7.50
CA PRO A 395 6.32 10.12 8.58
C PRO A 395 7.69 10.75 8.42
N GLY A 396 8.68 10.02 7.92
CA GLY A 396 10.00 10.58 7.77
C GLY A 396 10.29 11.22 6.43
N PHE A 397 9.26 11.63 5.67
CA PHE A 397 9.51 12.11 4.32
C PHE A 397 10.44 13.32 4.30
N HIS A 398 10.21 14.29 5.18
CA HIS A 398 11.00 15.52 5.10
C HIS A 398 12.46 15.26 5.43
N GLU A 399 12.75 14.28 6.29
CA GLU A 399 14.13 13.92 6.58
C GLU A 399 14.78 13.24 5.39
N ALA A 400 14.09 12.27 4.80
CA ALA A 400 14.62 11.54 3.64
C ALA A 400 14.87 12.47 2.47
N PHE A 401 13.94 13.41 2.22
CA PHE A 401 14.11 14.29 1.07
C PHE A 401 15.22 15.29 1.33
N ALA A 402 15.37 15.75 2.58
CA ALA A 402 16.49 16.60 2.92
C ALA A 402 17.82 15.90 2.64
N GLU A 403 17.90 14.61 2.94
CA GLU A 403 19.10 13.82 2.69
C GLU A 403 19.37 13.69 1.19
N LEU A 404 18.31 13.47 0.40
CA LEU A 404 18.48 13.45 -1.05
C LEU A 404 19.02 14.79 -1.54
N ARG A 405 18.50 15.89 -1.01
CA ARG A 405 18.93 17.22 -1.42
C ARG A 405 20.41 17.41 -1.19
N ARG A 406 20.90 16.99 -0.02
CA ARG A 406 22.32 17.14 0.31
C ARG A 406 23.20 16.24 -0.56
N GLY A 407 22.69 15.09 -0.99
CA GLY A 407 23.43 14.20 -1.86
C GLY A 407 23.35 14.61 -3.32
P PO4 B . -3.41 7.74 -1.79
O1 PO4 B . -3.50 6.44 -2.56
O2 PO4 B . -3.03 8.82 -2.79
O3 PO4 B . -2.36 7.60 -0.72
O4 PO4 B . -4.76 8.01 -1.19
K K C . -23.44 -20.08 8.81
#